data_1B15
#
_entry.id   1B15
#
_cell.length_a   66.700
_cell.length_b   53.500
_cell.length_c   70.700
_cell.angle_alpha   90.00
_cell.angle_beta   107.10
_cell.angle_gamma   90.00
#
_symmetry.space_group_name_H-M   'P 1 21 1'
#
loop_
_entity.id
_entity.type
_entity.pdbx_description
1 polymer 'ALCOHOL DEHYDROGENASE'
2 non-polymer 'NICOTINAMIDE ADENINE DINUCLEOTIDE ACETONE ADDUCT'
3 water water
#
_entity_poly.entity_id   1
_entity_poly.type   'polypeptide(L)'
_entity_poly.pdbx_seq_one_letter_code
;MDLTNKNVIFVAALGGIGLDTSRELVKRNLKNFVILDRVENPTALAELKAINPKVNITFHTYDVTVPVAESKKLLKKIFD
QLKTVDILINGAGILDDHQIERTIAINFTGLVNTTTAILDFWDKRKGGPGGIIANICSVTGFNAIHQVPVYSASKAAVVS
FTNSLAKLAPITGVTAYSINPGITRTPLVHTFNSWLDVEPRVAELLLSHPTQTSEQCGQNFVKAIEANKNGAIWKLDLGT
LEAIEWTKHWDSHI
;
_entity_poly.pdbx_strand_id   A,B
#
# COMPACT_ATOMS: atom_id res chain seq x y z
N MET A 1 6.11 12.96 25.89
CA MET A 1 7.47 13.49 25.70
C MET A 1 7.42 15.01 25.67
N ASP A 2 8.46 15.61 26.24
CA ASP A 2 8.56 17.06 26.35
C ASP A 2 9.33 17.60 25.15
N LEU A 3 8.73 18.48 24.36
CA LEU A 3 9.32 18.94 23.12
C LEU A 3 10.39 20.01 23.30
N THR A 4 10.49 20.59 24.49
CA THR A 4 11.47 21.62 24.78
C THR A 4 12.88 21.20 24.42
N ASN A 5 13.57 21.99 23.61
CA ASN A 5 14.94 21.73 23.24
C ASN A 5 15.12 20.47 22.39
N LYS A 6 14.05 19.97 21.76
CA LYS A 6 14.15 18.89 20.81
C LYS A 6 14.47 19.40 19.41
N ASN A 7 15.05 18.48 18.66
CA ASN A 7 15.40 18.75 17.25
C ASN A 7 14.42 17.92 16.41
N VAL A 8 13.71 18.57 15.50
CA VAL A 8 12.62 17.92 14.80
C VAL A 8 12.89 18.10 13.31
N ILE A 9 12.80 17.02 12.55
CA ILE A 9 12.69 17.16 11.10
C ILE A 9 11.25 16.91 10.66
N PHE A 10 10.71 17.80 9.84
CA PHE A 10 9.34 17.65 9.40
C PHE A 10 9.37 17.73 7.86
N VAL A 11 9.14 16.57 7.24
CA VAL A 11 8.99 16.51 5.80
C VAL A 11 7.57 16.97 5.43
N ALA A 12 7.48 17.93 4.52
CA ALA A 12 6.21 18.48 4.09
C ALA A 12 5.52 19.26 5.22
N ALA A 13 6.31 20.11 5.87
CA ALA A 13 5.79 20.93 6.96
C ALA A 13 5.01 22.13 6.43
N LEU A 14 4.99 22.49 5.16
CA LEU A 14 4.47 23.78 4.73
C LEU A 14 3.13 23.63 4.01
N GLY A 15 2.56 22.43 4.00
CA GLY A 15 1.24 22.20 3.49
C GLY A 15 0.14 22.63 4.46
N GLY A 16 -1.10 22.38 4.06
CA GLY A 16 -2.26 22.77 4.86
C GLY A 16 -2.15 22.22 6.27
N ILE A 17 -2.13 20.90 6.43
CA ILE A 17 -2.02 20.32 7.76
C ILE A 17 -0.66 20.60 8.37
N GLY A 18 0.36 20.54 7.51
CA GLY A 18 1.72 20.74 7.95
C GLY A 18 1.87 22.08 8.67
N LEU A 19 1.46 23.14 7.98
CA LEU A 19 1.69 24.52 8.49
C LEU A 19 1.02 24.72 9.83
N ASP A 20 -0.22 24.30 10.02
CA ASP A 20 -0.92 24.42 11.28
C ASP A 20 -0.37 23.54 12.40
N THR A 21 0.16 22.38 12.02
CA THR A 21 0.94 21.57 12.93
C THR A 21 2.21 22.32 13.29
N SER A 22 2.88 22.92 12.33
CA SER A 22 4.16 23.57 12.58
C SER A 22 3.99 24.78 13.53
N ARG A 23 2.90 25.54 13.35
CA ARG A 23 2.62 26.69 14.22
C ARG A 23 2.51 26.26 15.69
N GLU A 24 1.86 25.17 15.99
CA GLU A 24 1.79 24.59 17.32
C GLU A 24 3.14 24.08 17.77
N LEU A 25 3.89 23.45 16.85
CA LEU A 25 5.14 22.81 17.25
C LEU A 25 6.12 23.87 17.75
N VAL A 26 6.30 24.95 17.02
CA VAL A 26 7.29 25.95 17.36
C VAL A 26 6.93 26.77 18.60
N LYS A 27 5.66 26.81 18.99
CA LYS A 27 5.26 27.17 20.34
C LYS A 27 5.91 26.38 21.46
N ARG A 28 6.28 25.12 21.24
CA ARG A 28 6.88 24.28 22.24
C ARG A 28 8.36 24.48 22.48
N ASN A 29 9.04 25.43 21.87
CA ASN A 29 10.41 25.72 22.32
C ASN A 29 11.37 24.59 21.93
N LEU A 30 11.17 24.10 20.71
CA LEU A 30 12.14 23.26 20.02
C LEU A 30 13.50 23.96 20.03
N LYS A 31 14.60 23.25 20.07
CA LYS A 31 15.88 23.83 19.69
C LYS A 31 15.98 24.08 18.19
N ASN A 32 15.85 23.01 17.40
CA ASN A 32 15.95 23.11 15.96
C ASN A 32 14.72 22.51 15.28
N PHE A 33 14.20 23.24 14.30
CA PHE A 33 13.05 22.78 13.52
C PHE A 33 13.52 22.83 12.07
N VAL A 34 13.69 21.64 11.50
CA VAL A 34 14.17 21.50 10.13
C VAL A 34 12.98 21.18 9.24
N ILE A 35 12.68 22.06 8.31
CA ILE A 35 11.64 21.83 7.33
C ILE A 35 12.27 21.31 6.03
N LEU A 36 11.79 20.12 5.63
CA LEU A 36 12.05 19.62 4.29
C LEU A 36 10.79 19.64 3.45
N ASP A 37 10.81 20.38 2.33
CA ASP A 37 9.61 20.45 1.52
C ASP A 37 10.06 20.73 0.10
N ARG A 38 9.12 20.52 -0.80
CA ARG A 38 9.45 20.40 -2.20
C ARG A 38 9.74 21.79 -2.71
N VAL A 39 9.07 22.82 -2.18
CA VAL A 39 9.28 24.20 -2.59
C VAL A 39 9.29 25.12 -1.36
N GLU A 40 10.17 26.08 -1.28
CA GLU A 40 10.15 27.10 -0.26
C GLU A 40 8.91 27.99 -0.23
N ASN A 41 8.44 28.33 0.96
CA ASN A 41 7.38 29.32 1.19
C ASN A 41 7.92 30.29 2.23
N PRO A 42 8.49 31.40 1.79
CA PRO A 42 9.08 32.40 2.66
C PRO A 42 8.02 33.12 3.49
N THR A 43 6.80 33.21 2.97
CA THR A 43 5.69 33.69 3.78
C THR A 43 5.50 32.83 5.02
N ALA A 44 5.28 31.53 4.82
CA ALA A 44 5.14 30.59 5.94
C ALA A 44 6.40 30.56 6.80
N LEU A 45 7.57 30.60 6.18
CA LEU A 45 8.81 30.58 6.94
C LEU A 45 8.88 31.78 7.89
N ALA A 46 8.59 32.96 7.33
CA ALA A 46 8.63 34.19 8.12
C ALA A 46 7.58 34.17 9.22
N GLU A 47 6.36 33.75 8.90
CA GLU A 47 5.37 33.52 9.93
C GLU A 47 5.88 32.66 11.08
N LEU A 48 6.43 31.49 10.79
CA LEU A 48 6.82 30.50 11.76
C LEU A 48 7.93 31.08 12.66
N LYS A 49 8.90 31.72 12.01
CA LYS A 49 9.98 32.38 12.71
C LYS A 49 9.44 33.48 13.60
N ALA A 50 8.44 34.23 13.16
CA ALA A 50 7.80 35.23 14.01
C ALA A 50 7.26 34.60 15.30
N ILE A 51 6.58 33.45 15.24
CA ILE A 51 5.89 32.94 16.41
C ILE A 51 6.85 32.69 17.57
N ASN A 52 8.04 32.16 17.35
CA ASN A 52 8.91 31.82 18.47
C ASN A 52 10.36 31.95 18.04
N PRO A 53 10.93 33.11 18.37
CA PRO A 53 12.25 33.47 17.92
C PRO A 53 13.33 32.61 18.54
N LYS A 54 13.09 32.00 19.69
CA LYS A 54 13.95 31.02 20.28
C LYS A 54 14.25 29.78 19.44
N VAL A 55 13.32 29.35 18.59
CA VAL A 55 13.50 28.14 17.78
C VAL A 55 14.40 28.45 16.60
N ASN A 56 15.44 27.66 16.35
CA ASN A 56 16.19 27.82 15.10
C ASN A 56 15.46 27.05 13.98
N ILE A 57 14.93 27.75 13.00
CA ILE A 57 14.16 27.16 11.91
C ILE A 57 15.02 27.15 10.66
N THR A 58 15.23 25.98 10.06
CA THR A 58 15.95 25.91 8.80
C THR A 58 15.10 25.17 7.75
N PHE A 59 15.34 25.49 6.49
CA PHE A 59 14.54 24.95 5.40
C PHE A 59 15.53 24.29 4.42
N HIS A 60 15.17 23.10 3.94
CA HIS A 60 15.93 22.54 2.81
C HIS A 60 14.95 21.99 1.77
N THR A 61 15.25 22.25 0.51
CA THR A 61 14.41 21.75 -0.56
C THR A 61 14.54 20.23 -0.55
N TYR A 62 13.44 19.52 -0.53
CA TYR A 62 13.51 18.06 -0.53
C TYR A 62 12.35 17.52 -1.33
N ASP A 63 12.58 16.68 -2.31
CA ASP A 63 11.52 15.88 -2.94
C ASP A 63 11.60 14.45 -2.46
N VAL A 64 10.53 13.86 -1.92
CA VAL A 64 10.59 12.52 -1.41
C VAL A 64 10.68 11.49 -2.55
N THR A 65 10.55 11.84 -3.82
CA THR A 65 10.72 10.88 -4.89
C THR A 65 12.19 10.73 -5.31
N VAL A 66 13.19 11.37 -4.72
CA VAL A 66 14.57 10.99 -4.93
C VAL A 66 14.93 9.64 -4.36
N PRO A 67 15.95 9.01 -4.94
CA PRO A 67 16.49 7.74 -4.50
C PRO A 67 17.02 7.85 -3.07
N VAL A 68 16.99 6.75 -2.34
CA VAL A 68 17.45 6.67 -0.95
C VAL A 68 18.82 7.31 -0.78
N ALA A 69 19.74 7.14 -1.73
CA ALA A 69 21.09 7.65 -1.60
C ALA A 69 21.08 9.20 -1.52
N GLU A 70 20.22 9.84 -2.30
CA GLU A 70 20.02 11.27 -2.10
C GLU A 70 19.42 11.68 -0.76
N SER A 71 18.39 11.01 -0.30
CA SER A 71 17.95 11.25 1.06
C SER A 71 19.10 11.13 2.07
N LYS A 72 19.86 10.04 2.08
CA LYS A 72 20.96 9.88 2.98
C LYS A 72 21.97 11.04 2.91
N LYS A 73 22.35 11.44 1.73
CA LYS A 73 23.18 12.62 1.54
C LYS A 73 22.65 13.85 2.28
N LEU A 74 21.35 14.12 2.11
CA LEU A 74 20.78 15.33 2.72
C LEU A 74 20.75 15.16 4.23
N LEU A 75 20.28 14.02 4.72
CA LEU A 75 20.22 13.72 6.12
C LEU A 75 21.58 13.75 6.80
N LYS A 76 22.62 13.33 6.09
CA LYS A 76 23.93 13.22 6.69
C LYS A 76 24.36 14.63 7.12
N LYS A 77 24.16 15.60 6.28
CA LYS A 77 24.48 17.00 6.53
C LYS A 77 23.76 17.54 7.76
N ILE A 78 22.46 17.31 7.88
CA ILE A 78 21.57 17.67 8.94
C ILE A 78 22.03 17.02 10.24
N PHE A 79 22.18 15.69 10.26
CA PHE A 79 22.75 15.11 11.46
C PHE A 79 24.11 15.68 11.84
N ASP A 80 24.95 15.98 10.87
CA ASP A 80 26.30 16.43 11.26
C ASP A 80 26.21 17.79 11.99
N GLN A 81 25.45 18.71 11.41
CA GLN A 81 25.25 20.01 12.03
C GLN A 81 24.55 19.94 13.37
N LEU A 82 23.45 19.20 13.48
CA LEU A 82 22.59 19.23 14.64
C LEU A 82 23.12 18.27 15.68
N LYS A 83 23.85 17.26 15.21
CA LYS A 83 24.37 16.14 15.95
C LYS A 83 23.38 15.05 16.29
N THR A 84 22.19 15.39 16.78
CA THR A 84 21.14 14.49 17.16
C THR A 84 19.83 15.03 16.55
N VAL A 85 18.95 14.11 16.19
CA VAL A 85 17.63 14.48 15.72
C VAL A 85 16.68 13.64 16.58
N ASP A 86 15.65 14.23 17.21
CA ASP A 86 14.84 13.41 18.09
C ASP A 86 13.68 12.78 17.33
N ILE A 87 13.12 13.52 16.38
CA ILE A 87 11.80 13.15 15.83
C ILE A 87 11.83 13.43 14.33
N LEU A 88 11.34 12.48 13.53
CA LEU A 88 11.12 12.70 12.10
C LEU A 88 9.62 12.61 11.85
N ILE A 89 9.09 13.55 11.09
CA ILE A 89 7.67 13.54 10.75
C ILE A 89 7.63 13.41 9.22
N ASN A 90 6.99 12.34 8.74
CA ASN A 90 6.84 12.20 7.29
C ASN A 90 5.45 12.68 6.88
N GLY A 91 5.32 13.75 6.11
CA GLY A 91 3.95 14.23 5.90
C GLY A 91 3.61 14.45 4.44
N ALA A 92 4.49 14.11 3.50
CA ALA A 92 4.24 14.44 2.11
C ALA A 92 3.08 13.62 1.57
N GLY A 93 2.33 14.18 0.63
CA GLY A 93 1.07 13.51 0.26
C GLY A 93 0.58 14.22 -1.01
N ILE A 94 0.10 13.48 -2.01
CA ILE A 94 -0.72 14.08 -3.03
C ILE A 94 -2.02 13.25 -3.13
N LEU A 95 -3.00 13.92 -3.75
CA LEU A 95 -4.30 13.36 -3.97
C LEU A 95 -4.75 13.67 -5.41
N ASP A 96 -4.58 12.65 -6.24
CA ASP A 96 -4.83 12.78 -7.67
C ASP A 96 -4.66 11.38 -8.31
N ASP A 97 -5.79 10.71 -8.50
CA ASP A 97 -5.83 9.34 -8.93
C ASP A 97 -5.85 9.30 -10.46
N HIS A 98 -5.65 10.42 -11.14
CA HIS A 98 -5.06 10.37 -12.47
C HIS A 98 -3.57 10.13 -12.43
N GLN A 99 -2.86 10.32 -11.34
CA GLN A 99 -1.39 10.19 -11.38
C GLN A 99 -1.09 8.93 -10.55
N ILE A 100 -1.32 7.77 -11.16
CA ILE A 100 -1.20 6.52 -10.44
C ILE A 100 0.21 6.32 -9.91
N GLU A 101 1.20 6.34 -10.81
CA GLU A 101 2.56 6.04 -10.35
C GLU A 101 3.02 7.12 -9.33
N ARG A 102 2.69 8.38 -9.62
CA ARG A 102 3.15 9.48 -8.81
C ARG A 102 2.52 9.42 -7.42
N THR A 103 1.25 9.01 -7.31
CA THR A 103 0.62 8.85 -6.01
C THR A 103 1.37 7.84 -5.12
N ILE A 104 1.74 6.73 -5.78
CA ILE A 104 2.37 5.62 -5.09
C ILE A 104 3.78 6.06 -4.69
N ALA A 105 4.54 6.64 -5.60
CA ALA A 105 5.88 7.10 -5.34
C ALA A 105 5.96 8.10 -4.17
N ILE A 106 5.02 9.02 -4.06
CA ILE A 106 5.10 10.07 -3.03
C ILE A 106 4.49 9.58 -1.73
N ASN A 107 3.30 8.98 -1.76
CA ASN A 107 2.54 8.66 -0.59
C ASN A 107 3.07 7.41 0.13
N PHE A 108 3.67 6.50 -0.62
CA PHE A 108 4.09 5.24 -0.06
C PHE A 108 5.62 5.06 -0.23
N THR A 109 6.11 4.93 -1.46
CA THR A 109 7.54 4.65 -1.65
C THR A 109 8.39 5.72 -0.99
N GLY A 110 8.09 7.02 -1.21
CA GLY A 110 8.91 8.08 -0.65
C GLY A 110 8.99 8.07 0.88
N LEU A 111 7.88 7.76 1.55
CA LEU A 111 7.87 7.63 2.99
C LEU A 111 8.74 6.46 3.44
N VAL A 112 8.61 5.32 2.75
CA VAL A 112 9.53 4.21 3.05
C VAL A 112 10.98 4.60 2.85
N ASN A 113 11.32 5.29 1.78
CA ASN A 113 12.71 5.60 1.50
C ASN A 113 13.32 6.60 2.48
N THR A 114 12.50 7.60 2.91
CA THR A 114 13.01 8.55 3.89
C THR A 114 13.28 7.79 5.19
N THR A 115 12.38 6.90 5.54
CA THR A 115 12.51 6.12 6.75
C THR A 115 13.76 5.24 6.70
N THR A 116 13.96 4.57 5.56
CA THR A 116 15.09 3.71 5.31
C THR A 116 16.38 4.52 5.39
N ALA A 117 16.42 5.68 4.76
CA ALA A 117 17.57 6.56 4.84
C ALA A 117 17.95 6.98 6.26
N ILE A 118 16.99 7.40 7.09
CA ILE A 118 17.32 7.94 8.41
C ILE A 118 17.74 6.84 9.38
N LEU A 119 17.31 5.61 9.13
CA LEU A 119 17.74 4.46 9.93
C LEU A 119 19.25 4.25 9.90
N ASP A 120 19.94 4.63 8.86
CA ASP A 120 21.38 4.68 8.83
C ASP A 120 22.00 5.49 9.95
N PHE A 121 21.35 6.59 10.35
CA PHE A 121 21.86 7.42 11.43
C PHE A 121 21.28 6.99 12.76
N TRP A 122 20.10 6.39 12.79
CA TRP A 122 19.49 6.05 14.06
C TRP A 122 19.64 4.59 14.48
N ASP A 123 19.87 3.67 13.55
CA ASP A 123 19.73 2.25 13.92
C ASP A 123 20.59 1.89 15.12
N LYS A 124 20.05 1.36 16.21
CA LYS A 124 20.88 1.03 17.35
C LYS A 124 21.90 -0.06 17.00
N ARG A 125 21.59 -0.91 16.01
CA ARG A 125 22.52 -1.94 15.56
C ARG A 125 23.79 -1.31 15.01
N LYS A 126 23.73 -0.09 14.49
CA LYS A 126 24.90 0.61 14.05
C LYS A 126 25.54 1.57 15.06
N GLY A 127 25.17 1.50 16.33
CA GLY A 127 25.66 2.46 17.30
C GLY A 127 24.78 3.71 17.39
N GLY A 128 23.74 3.83 16.57
CA GLY A 128 22.88 5.01 16.63
C GLY A 128 22.09 5.06 17.94
N PRO A 129 21.46 6.20 18.19
CA PRO A 129 20.72 6.44 19.40
C PRO A 129 19.27 5.99 19.38
N GLY A 130 18.77 5.50 18.25
CA GLY A 130 17.32 5.30 18.12
C GLY A 130 16.68 6.69 17.89
N GLY A 131 15.36 6.69 17.79
CA GLY A 131 14.66 7.87 17.32
C GLY A 131 13.17 7.57 17.20
N ILE A 132 12.42 8.57 16.76
CA ILE A 132 10.97 8.63 16.83
C ILE A 132 10.46 9.05 15.44
N ILE A 133 9.57 8.24 14.86
CA ILE A 133 9.01 8.54 13.56
C ILE A 133 7.49 8.74 13.70
N ALA A 134 7.05 9.88 13.18
CA ALA A 134 5.63 10.17 13.14
C ALA A 134 5.20 10.19 11.67
N ASN A 135 4.30 9.30 11.27
CA ASN A 135 3.95 9.23 9.87
C ASN A 135 2.54 9.81 9.69
N ILE A 136 2.37 10.75 8.79
CA ILE A 136 1.03 11.15 8.43
C ILE A 136 0.44 10.17 7.43
N CYS A 137 -0.44 9.30 7.89
CA CYS A 137 -1.16 8.41 6.99
C CYS A 137 -2.51 9.05 6.67
N SER A 138 -3.61 8.47 7.10
CA SER A 138 -4.95 8.87 6.70
C SER A 138 -5.94 7.84 7.17
N VAL A 139 -7.12 8.27 7.62
CA VAL A 139 -8.23 7.37 7.82
C VAL A 139 -8.62 6.58 6.56
N THR A 140 -8.40 7.09 5.36
CA THR A 140 -8.57 6.27 4.16
C THR A 140 -7.64 5.05 4.09
N GLY A 141 -6.58 4.96 4.87
CA GLY A 141 -5.81 3.76 5.08
C GLY A 141 -6.52 2.74 5.91
N PHE A 142 -7.53 3.15 6.69
CA PHE A 142 -8.34 2.18 7.38
C PHE A 142 -9.45 1.71 6.45
N ASN A 143 -10.14 2.67 5.85
CA ASN A 143 -11.36 2.39 5.10
C ASN A 143 -11.32 3.36 3.93
N ALA A 144 -11.31 2.84 2.72
CA ALA A 144 -10.94 3.66 1.58
C ALA A 144 -12.00 4.75 1.31
N ILE A 145 -11.57 5.81 0.67
CA ILE A 145 -12.53 6.53 -0.18
C ILE A 145 -12.47 5.83 -1.53
N HIS A 146 -13.50 5.08 -1.86
CA HIS A 146 -13.32 4.11 -2.96
C HIS A 146 -13.35 4.73 -4.32
N GLN A 147 -13.74 6.01 -4.43
CA GLN A 147 -13.59 6.77 -5.67
C GLN A 147 -12.17 7.23 -5.86
N VAL A 148 -11.32 7.21 -4.82
CA VAL A 148 -9.88 7.38 -5.06
C VAL A 148 -9.15 6.17 -4.49
N PRO A 149 -9.28 5.01 -5.16
CA PRO A 149 -8.78 3.74 -4.68
C PRO A 149 -7.26 3.69 -4.63
N VAL A 150 -6.56 4.35 -5.49
CA VAL A 150 -5.10 4.38 -5.51
C VAL A 150 -4.55 5.24 -4.35
N TYR A 151 -5.02 6.48 -4.23
CA TYR A 151 -4.68 7.25 -3.00
C TYR A 151 -4.92 6.46 -1.72
N SER A 152 -6.09 5.85 -1.56
CA SER A 152 -6.48 5.16 -0.36
C SER A 152 -5.62 3.92 -0.12
N ALA A 153 -5.28 3.21 -1.22
CA ALA A 153 -4.45 2.01 -1.05
C ALA A 153 -3.04 2.43 -0.63
N SER A 154 -2.50 3.49 -1.20
CA SER A 154 -1.22 4.03 -0.79
C SER A 154 -1.17 4.37 0.68
N LYS A 155 -2.28 4.85 1.25
CA LYS A 155 -2.34 5.17 2.67
C LYS A 155 -2.58 3.92 3.48
N ALA A 156 -3.34 2.94 2.95
CA ALA A 156 -3.34 1.64 3.64
C ALA A 156 -1.93 1.07 3.76
N ALA A 157 -1.09 1.22 2.75
CA ALA A 157 0.30 0.74 2.83
C ALA A 157 1.11 1.41 3.95
N VAL A 158 1.02 2.75 4.06
CA VAL A 158 1.85 3.42 5.09
C VAL A 158 1.30 3.19 6.50
N VAL A 159 0.03 2.94 6.71
CA VAL A 159 -0.47 2.51 8.01
C VAL A 159 0.17 1.18 8.38
N SER A 160 0.11 0.21 7.45
CA SER A 160 0.72 -1.09 7.64
C SER A 160 2.21 -0.95 7.94
N PHE A 161 2.94 -0.20 7.17
CA PHE A 161 4.36 0.05 7.28
C PHE A 161 4.73 0.71 8.61
N THR A 162 3.84 1.59 9.07
CA THR A 162 4.03 2.21 10.41
C THR A 162 3.82 1.22 11.54
N ASN A 163 2.79 0.38 11.43
CA ASN A 163 2.62 -0.68 12.44
C ASN A 163 3.85 -1.58 12.53
N SER A 164 4.39 -1.96 11.37
CA SER A 164 5.56 -2.84 11.39
C SER A 164 6.76 -2.15 11.98
N LEU A 165 6.99 -0.87 11.66
CA LEU A 165 8.08 -0.13 12.26
C LEU A 165 8.07 -0.21 13.77
N ALA A 166 6.88 -0.07 14.32
CA ALA A 166 6.74 0.07 15.78
C ALA A 166 7.12 -1.29 16.40
N LYS A 167 6.72 -2.37 15.71
CA LYS A 167 7.12 -3.69 16.15
C LYS A 167 8.61 -3.94 15.93
N LEU A 168 9.34 -3.21 15.12
CA LEU A 168 10.78 -3.41 15.02
C LEU A 168 11.60 -2.61 16.01
N ALA A 169 10.95 -1.81 16.88
CA ALA A 169 11.66 -0.93 17.77
C ALA A 169 12.66 -1.55 18.74
N PRO A 170 12.38 -2.70 19.34
CA PRO A 170 13.37 -3.44 20.12
C PRO A 170 14.62 -3.81 19.36
N ILE A 171 14.59 -3.91 18.04
CA ILE A 171 15.79 -4.19 17.27
C ILE A 171 16.42 -2.90 16.78
N THR A 172 15.59 -1.95 16.31
CA THR A 172 16.23 -0.78 15.70
C THR A 172 16.45 0.36 16.68
N GLY A 173 15.73 0.43 17.79
CA GLY A 173 15.72 1.63 18.63
C GLY A 173 14.75 2.72 18.15
N VAL A 174 14.05 2.54 17.04
CA VAL A 174 13.23 3.55 16.43
C VAL A 174 11.77 3.17 16.63
N THR A 175 11.07 4.00 17.39
CA THR A 175 9.64 3.88 17.61
C THR A 175 8.87 4.65 16.55
N ALA A 176 7.59 4.33 16.45
CA ALA A 176 6.82 4.98 15.39
C ALA A 176 5.34 4.87 15.66
N TYR A 177 4.62 5.85 15.10
CA TYR A 177 3.15 5.84 15.28
C TYR A 177 2.58 6.59 14.11
N SER A 178 1.33 6.30 13.76
CA SER A 178 0.76 7.00 12.61
C SER A 178 -0.20 8.10 13.10
N ILE A 179 -0.26 9.14 12.29
CA ILE A 179 -1.21 10.21 12.51
C ILE A 179 -2.24 10.10 11.38
N ASN A 180 -3.47 9.78 11.68
CA ASN A 180 -4.46 9.59 10.62
C ASN A 180 -5.60 10.62 10.70
N PRO A 181 -5.50 11.68 9.95
CA PRO A 181 -6.54 12.72 10.00
C PRO A 181 -7.79 12.20 9.26
N GLY A 182 -8.98 12.57 9.76
CA GLY A 182 -10.18 12.56 8.96
C GLY A 182 -10.17 13.73 7.98
N ILE A 183 -11.28 13.92 7.29
CA ILE A 183 -11.35 14.93 6.23
C ILE A 183 -11.11 16.32 6.82
N THR A 184 -10.13 17.02 6.33
CA THR A 184 -9.57 18.22 6.91
C THR A 184 -9.48 19.29 5.81
N ARG A 185 -10.10 20.44 6.06
CA ARG A 185 -10.21 21.48 5.05
C ARG A 185 -8.90 22.11 4.67
N THR A 186 -8.33 21.71 3.56
CA THR A 186 -7.01 22.14 3.09
C THR A 186 -7.14 22.14 1.58
N PRO A 187 -6.13 22.62 0.89
CA PRO A 187 -6.13 22.64 -0.57
C PRO A 187 -6.10 21.23 -1.13
N LEU A 188 -5.75 20.20 -0.37
CA LEU A 188 -5.72 18.84 -0.88
C LEU A 188 -7.10 18.39 -1.35
N VAL A 189 -8.15 18.69 -0.58
CA VAL A 189 -9.45 18.13 -0.83
C VAL A 189 -10.43 19.06 -1.55
N HIS A 190 -10.01 20.23 -2.02
CA HIS A 190 -10.97 21.22 -2.49
C HIS A 190 -11.48 20.77 -3.86
N THR A 191 -10.54 20.40 -4.71
CA THR A 191 -10.90 19.71 -5.95
C THR A 191 -9.88 18.62 -6.25
N PHE A 192 -10.31 17.41 -6.61
CA PHE A 192 -9.33 16.38 -7.00
C PHE A 192 -9.90 15.34 -7.94
N ASN A 193 -9.04 14.71 -8.73
CA ASN A 193 -9.43 13.69 -9.71
C ASN A 193 -9.70 12.34 -9.07
N SER A 194 -10.82 11.70 -9.41
CA SER A 194 -11.03 10.33 -9.09
C SER A 194 -10.42 9.39 -10.15
N TRP A 195 -10.35 8.12 -9.80
CA TRP A 195 -9.72 7.11 -10.65
C TRP A 195 -10.62 6.75 -11.83
N LEU A 196 -10.11 6.88 -13.03
CA LEU A 196 -10.86 6.76 -14.27
C LEU A 196 -12.13 7.63 -14.28
N ASP A 197 -12.06 8.78 -13.59
CA ASP A 197 -13.20 9.61 -13.30
C ASP A 197 -14.46 8.81 -13.03
N VAL A 198 -14.44 7.86 -12.11
CA VAL A 198 -15.67 7.23 -11.71
C VAL A 198 -16.59 8.22 -10.99
N GLU A 199 -16.03 9.26 -10.35
CA GLU A 199 -16.84 10.22 -9.63
C GLU A 199 -16.22 11.60 -9.71
N PRO A 200 -16.45 12.30 -10.81
CA PRO A 200 -15.99 13.64 -11.05
C PRO A 200 -16.42 14.63 -9.99
N ARG A 201 -17.47 14.40 -9.22
CA ARG A 201 -17.78 15.29 -8.11
C ARG A 201 -17.34 14.85 -6.74
N VAL A 202 -16.33 13.99 -6.67
CA VAL A 202 -15.91 13.43 -5.39
C VAL A 202 -15.62 14.51 -4.35
N ALA A 203 -14.94 15.59 -4.68
CA ALA A 203 -14.62 16.65 -3.74
C ALA A 203 -15.90 17.31 -3.20
N GLU A 204 -16.79 17.72 -4.08
CA GLU A 204 -18.09 18.27 -3.72
C GLU A 204 -18.88 17.36 -2.81
N LEU A 205 -18.98 16.08 -3.13
CA LEU A 205 -19.68 15.17 -2.23
C LEU A 205 -18.99 14.99 -0.89
N LEU A 206 -17.66 14.88 -0.89
CA LEU A 206 -16.92 14.70 0.34
C LEU A 206 -17.16 15.86 1.33
N LEU A 207 -17.12 17.08 0.83
CA LEU A 207 -17.20 18.26 1.69
C LEU A 207 -18.65 18.65 1.98
N SER A 208 -19.64 17.86 1.57
CA SER A 208 -20.99 17.97 2.08
C SER A 208 -21.18 17.23 3.38
N HIS A 209 -20.15 16.54 3.86
CA HIS A 209 -20.21 15.93 5.19
C HIS A 209 -19.31 16.69 6.16
N PRO A 210 -19.50 16.47 7.43
CA PRO A 210 -18.70 17.09 8.48
C PRO A 210 -17.19 17.00 8.21
N THR A 211 -16.49 18.11 8.41
CA THR A 211 -15.05 18.16 8.33
C THR A 211 -14.45 18.75 9.60
N GLN A 212 -13.14 18.87 9.64
CA GLN A 212 -12.43 19.52 10.73
C GLN A 212 -11.56 20.57 10.08
N THR A 213 -11.13 21.56 10.86
CA THR A 213 -10.17 22.50 10.30
C THR A 213 -8.77 21.92 10.48
N SER A 214 -7.86 22.45 9.69
CA SER A 214 -6.44 22.21 9.85
C SER A 214 -5.89 22.72 11.17
N GLU A 215 -6.48 23.75 11.77
CA GLU A 215 -6.08 24.14 13.12
C GLU A 215 -6.48 23.10 14.16
N GLN A 216 -7.69 22.57 14.09
CA GLN A 216 -8.07 21.49 14.98
C GLN A 216 -7.12 20.29 14.82
N CYS A 217 -6.94 19.92 13.53
CA CYS A 217 -6.03 18.83 13.21
C CYS A 217 -4.66 19.14 13.79
N GLY A 218 -4.15 20.32 13.53
CA GLY A 218 -2.80 20.67 13.98
C GLY A 218 -2.64 20.56 15.48
N GLN A 219 -3.61 21.03 16.28
CA GLN A 219 -3.56 20.94 17.72
C GLN A 219 -3.50 19.50 18.22
N ASN A 220 -4.37 18.66 17.65
CA ASN A 220 -4.42 17.25 18.05
C ASN A 220 -3.16 16.50 17.61
N PHE A 221 -2.53 16.95 16.56
CA PHE A 221 -1.30 16.30 16.07
C PHE A 221 -0.20 16.51 17.09
N VAL A 222 -0.07 17.73 17.63
CA VAL A 222 1.01 17.94 18.60
C VAL A 222 0.73 17.19 19.89
N LYS A 223 -0.53 17.04 20.27
CA LYS A 223 -0.86 16.24 21.46
C LYS A 223 -0.45 14.78 21.33
N ALA A 224 -0.74 14.21 20.17
CA ALA A 224 -0.30 12.84 19.86
C ALA A 224 1.22 12.71 19.90
N ILE A 225 1.95 13.68 19.40
CA ILE A 225 3.41 13.65 19.46
C ILE A 225 3.88 13.72 20.91
N GLU A 226 3.16 14.53 21.71
CA GLU A 226 3.51 14.61 23.13
C GLU A 226 3.13 13.36 23.87
N ALA A 227 2.07 12.67 23.40
CA ALA A 227 1.77 11.36 23.99
C ALA A 227 2.87 10.32 23.72
N ASN A 228 3.57 10.41 22.59
CA ASN A 228 4.71 9.55 22.30
C ASN A 228 4.45 8.07 22.55
N LYS A 229 3.41 7.49 21.97
CA LYS A 229 3.06 6.09 22.16
C LYS A 229 3.50 5.26 20.93
N ASN A 230 4.53 4.47 21.11
CA ASN A 230 5.08 3.63 20.03
C ASN A 230 4.00 2.65 19.55
N GLY A 231 3.75 2.60 18.24
CA GLY A 231 2.68 1.72 17.77
C GLY A 231 1.29 2.29 17.85
N ALA A 232 1.12 3.54 18.31
CA ALA A 232 -0.27 4.05 18.36
C ALA A 232 -0.70 4.24 16.91
N ILE A 233 -1.98 4.07 16.68
CA ILE A 233 -2.65 4.43 15.46
C ILE A 233 -3.64 5.55 15.77
N TRP A 234 -3.28 6.78 15.52
CA TRP A 234 -4.03 7.93 16.04
C TRP A 234 -5.03 8.38 14.97
N LYS A 235 -6.29 8.46 15.36
CA LYS A 235 -7.29 9.04 14.48
C LYS A 235 -7.58 10.49 14.88
N LEU A 236 -7.43 11.41 13.97
CA LEU A 236 -7.64 12.84 14.19
C LEU A 236 -8.82 13.30 13.36
N ASP A 237 -9.99 13.04 13.89
CA ASP A 237 -11.21 13.22 13.08
C ASP A 237 -12.24 14.10 13.81
N LEU A 238 -12.77 15.09 13.11
CA LEU A 238 -13.79 16.00 13.63
C LEU A 238 -13.36 16.64 14.95
N GLY A 239 -12.10 17.06 15.06
CA GLY A 239 -11.57 17.76 16.18
C GLY A 239 -11.25 16.91 17.37
N THR A 240 -11.35 15.57 17.28
CA THR A 240 -10.90 14.78 18.42
C THR A 240 -9.60 14.04 18.10
N LEU A 241 -9.03 13.38 19.11
CA LEU A 241 -7.83 12.60 19.00
C LEU A 241 -8.20 11.24 19.58
N GLU A 242 -8.12 10.16 18.82
CA GLU A 242 -8.50 8.85 19.39
C GLU A 242 -7.52 7.79 18.94
N ALA A 243 -7.17 6.82 19.78
CA ALA A 243 -6.32 5.71 19.34
C ALA A 243 -7.22 4.55 18.87
N ILE A 244 -7.00 4.03 17.66
CA ILE A 244 -7.80 2.85 17.30
C ILE A 244 -7.01 1.57 17.54
N GLU A 245 -7.73 0.47 17.67
CA GLU A 245 -7.20 -0.87 17.78
C GLU A 245 -7.23 -1.54 16.41
N TRP A 246 -6.10 -2.01 15.92
CA TRP A 246 -6.04 -2.73 14.65
C TRP A 246 -6.58 -4.14 14.83
N THR A 247 -7.45 -4.63 13.96
CA THR A 247 -8.01 -5.96 14.14
C THR A 247 -6.94 -7.01 13.84
N LYS A 248 -6.74 -7.96 14.75
CA LYS A 248 -5.92 -9.14 14.46
C LYS A 248 -6.66 -10.20 13.64
N HIS A 249 -6.59 -10.17 12.33
CA HIS A 249 -7.21 -11.19 11.49
C HIS A 249 -6.31 -12.41 11.36
N TRP A 250 -5.01 -12.19 11.47
CA TRP A 250 -4.03 -13.21 11.14
C TRP A 250 -2.76 -12.87 11.92
N ASP A 251 -2.05 -13.89 12.32
CA ASP A 251 -0.82 -13.73 13.05
C ASP A 251 0.30 -14.61 12.50
N SER A 252 1.46 -14.01 12.31
CA SER A 252 2.54 -14.71 11.64
C SER A 252 3.23 -15.66 12.60
N HIS A 253 3.02 -15.38 13.90
CA HIS A 253 3.60 -16.08 15.02
C HIS A 253 5.06 -15.72 15.22
N ILE A 254 5.64 -14.82 14.41
CA ILE A 254 7.03 -14.43 14.65
C ILE A 254 7.17 -12.94 14.90
N MET B 1 -20.23 -19.09 -9.77
CA MET B 1 -20.15 -19.03 -11.25
C MET B 1 -19.59 -20.32 -11.83
N ASP B 2 -20.05 -20.65 -13.04
CA ASP B 2 -19.68 -21.90 -13.71
C ASP B 2 -18.55 -21.62 -14.67
N LEU B 3 -17.41 -22.29 -14.51
CA LEU B 3 -16.22 -21.99 -15.30
C LEU B 3 -16.22 -22.56 -16.70
N THR B 4 -17.15 -23.50 -16.98
CA THR B 4 -17.27 -24.17 -18.26
C THR B 4 -17.36 -23.17 -19.39
N ASN B 5 -16.46 -23.23 -20.36
CA ASN B 5 -16.47 -22.39 -21.54
C ASN B 5 -16.13 -20.93 -21.24
N LYS B 6 -15.54 -20.65 -20.07
CA LYS B 6 -15.09 -19.30 -19.79
C LYS B 6 -13.70 -19.05 -20.35
N ASN B 7 -13.43 -17.78 -20.62
CA ASN B 7 -12.12 -17.28 -20.97
C ASN B 7 -11.47 -16.57 -19.80
N VAL B 8 -10.29 -17.04 -19.41
CA VAL B 8 -9.65 -16.59 -18.17
C VAL B 8 -8.28 -16.06 -18.57
N ILE B 9 -7.88 -14.90 -18.07
CA ILE B 9 -6.50 -14.47 -18.10
C ILE B 9 -5.91 -14.57 -16.69
N PHE B 10 -4.77 -15.24 -16.53
CA PHE B 10 -4.13 -15.40 -15.25
C PHE B 10 -2.73 -14.81 -15.37
N VAL B 11 -2.51 -13.69 -14.73
CA VAL B 11 -1.18 -13.06 -14.64
C VAL B 11 -0.38 -13.77 -13.56
N ALA B 12 0.78 -14.31 -13.96
CA ALA B 12 1.65 -15.04 -13.05
C ALA B 12 1.06 -16.38 -12.65
N ALA B 13 0.55 -17.10 -13.66
CA ALA B 13 -0.02 -18.43 -13.45
C ALA B 13 1.03 -19.52 -13.28
N LEU B 14 2.31 -19.31 -13.46
CA LEU B 14 3.25 -20.43 -13.51
C LEU B 14 4.11 -20.46 -12.26
N GLY B 15 3.77 -19.64 -11.26
CA GLY B 15 4.42 -19.70 -9.97
C GLY B 15 3.91 -20.84 -9.11
N GLY B 16 4.45 -20.93 -7.89
CA GLY B 16 4.08 -22.05 -7.01
C GLY B 16 2.60 -22.09 -6.71
N ILE B 17 1.99 -21.00 -6.21
CA ILE B 17 0.52 -21.03 -6.02
C ILE B 17 -0.15 -21.03 -7.38
N GLY B 18 0.31 -20.19 -8.28
CA GLY B 18 -0.27 -20.11 -9.63
C GLY B 18 -0.45 -21.49 -10.26
N LEU B 19 0.64 -22.26 -10.30
CA LEU B 19 0.65 -23.51 -11.09
C LEU B 19 -0.37 -24.48 -10.53
N ASP B 20 -0.44 -24.62 -9.21
CA ASP B 20 -1.44 -25.48 -8.59
C ASP B 20 -2.85 -24.95 -8.68
N THR B 21 -3.01 -23.63 -8.72
CA THR B 21 -4.32 -23.08 -9.07
C THR B 21 -4.67 -23.41 -10.52
N SER B 22 -3.71 -23.27 -11.40
CA SER B 22 -3.89 -23.50 -12.82
C SER B 22 -4.30 -24.94 -13.13
N ARG B 23 -3.70 -25.90 -12.44
CA ARG B 23 -4.03 -27.31 -12.63
C ARG B 23 -5.50 -27.53 -12.30
N GLU B 24 -6.02 -26.91 -11.25
CA GLU B 24 -7.42 -27.05 -10.91
C GLU B 24 -8.33 -26.34 -11.88
N LEU B 25 -7.95 -25.15 -12.31
CA LEU B 25 -8.74 -24.35 -13.22
C LEU B 25 -8.98 -25.10 -14.53
N VAL B 26 -7.92 -25.68 -15.14
CA VAL B 26 -8.05 -26.28 -16.46
C VAL B 26 -8.82 -27.61 -16.42
N LYS B 27 -8.92 -28.27 -15.29
CA LYS B 27 -9.95 -29.25 -15.02
C LYS B 27 -11.37 -28.79 -15.26
N ARG B 28 -11.71 -27.53 -15.13
CA ARG B 28 -13.05 -27.02 -15.26
C ARG B 28 -13.51 -26.77 -16.68
N ASN B 29 -12.73 -27.01 -17.72
CA ASN B 29 -13.31 -26.99 -19.06
C ASN B 29 -13.55 -25.55 -19.50
N LEU B 30 -12.54 -24.74 -19.17
CA LEU B 30 -12.43 -23.40 -19.73
C LEU B 30 -12.48 -23.49 -21.24
N LYS B 31 -12.86 -22.43 -21.95
CA LYS B 31 -12.63 -22.39 -23.38
C LYS B 31 -11.17 -22.03 -23.62
N ASN B 32 -10.79 -20.88 -23.07
CA ASN B 32 -9.46 -20.32 -23.28
C ASN B 32 -8.82 -19.97 -21.95
N PHE B 33 -7.55 -20.32 -21.79
CA PHE B 33 -6.80 -20.02 -20.59
C PHE B 33 -5.52 -19.32 -21.02
N VAL B 34 -5.48 -18.01 -20.75
CA VAL B 34 -4.37 -17.19 -21.23
C VAL B 34 -3.43 -16.97 -20.05
N ILE B 35 -2.18 -17.39 -20.20
CA ILE B 35 -1.19 -17.23 -19.15
C ILE B 35 -0.29 -16.06 -19.53
N LEU B 36 -0.21 -15.11 -18.60
CA LEU B 36 0.71 -13.99 -18.78
C LEU B 36 1.75 -14.09 -17.67
N ASP B 37 3.02 -14.18 -18.01
CA ASP B 37 4.03 -14.42 -17.00
C ASP B 37 5.32 -13.87 -17.56
N ARG B 38 6.22 -13.59 -16.61
CA ARG B 38 7.40 -12.81 -16.96
C ARG B 38 8.43 -13.73 -17.63
N VAL B 39 8.42 -14.95 -17.11
CA VAL B 39 9.46 -15.93 -17.41
C VAL B 39 8.79 -17.11 -18.07
N GLU B 40 9.26 -17.53 -19.25
CA GLU B 40 8.72 -18.81 -19.79
C GLU B 40 8.99 -19.94 -18.83
N ASN B 41 8.09 -20.89 -18.70
CA ASN B 41 8.29 -22.21 -18.13
C ASN B 41 7.67 -23.29 -19.01
N PRO B 42 8.45 -23.82 -19.95
CA PRO B 42 7.97 -24.78 -20.93
C PRO B 42 7.42 -26.09 -20.40
N THR B 43 7.99 -26.66 -19.37
CA THR B 43 7.49 -27.84 -18.66
C THR B 43 6.10 -27.72 -18.09
N ALA B 44 5.85 -26.60 -17.38
CA ALA B 44 4.52 -26.34 -16.83
C ALA B 44 3.48 -26.15 -17.90
N LEU B 45 3.83 -25.48 -19.00
CA LEU B 45 2.89 -25.37 -20.11
C LEU B 45 2.45 -26.72 -20.64
N ALA B 46 3.43 -27.61 -20.87
CA ALA B 46 3.11 -28.93 -21.40
C ALA B 46 2.27 -29.70 -20.39
N GLU B 47 2.67 -29.65 -19.12
CA GLU B 47 1.83 -30.30 -18.11
C GLU B 47 0.38 -29.85 -18.14
N LEU B 48 0.16 -28.54 -18.26
CA LEU B 48 -1.18 -27.98 -18.13
C LEU B 48 -2.02 -28.40 -19.32
N LYS B 49 -1.41 -28.27 -20.49
CA LYS B 49 -2.01 -28.79 -21.73
C LYS B 49 -2.32 -30.28 -21.67
N ALA B 50 -1.44 -31.10 -21.11
CA ALA B 50 -1.76 -32.49 -20.80
C ALA B 50 -3.07 -32.67 -20.05
N ILE B 51 -3.32 -31.94 -18.97
CA ILE B 51 -4.43 -32.25 -18.10
C ILE B 51 -5.79 -32.22 -18.80
N ASN B 52 -6.00 -31.27 -19.70
CA ASN B 52 -7.34 -31.13 -20.29
C ASN B 52 -7.24 -30.56 -21.68
N PRO B 53 -7.22 -31.47 -22.66
CA PRO B 53 -6.90 -31.11 -24.03
C PRO B 53 -7.96 -30.25 -24.65
N LYS B 54 -9.19 -30.28 -24.16
CA LYS B 54 -10.26 -29.37 -24.50
C LYS B 54 -9.99 -27.89 -24.31
N VAL B 55 -9.16 -27.53 -23.32
CA VAL B 55 -8.89 -26.11 -23.06
C VAL B 55 -7.87 -25.57 -24.04
N ASN B 56 -8.10 -24.43 -24.69
CA ASN B 56 -7.00 -23.76 -25.37
C ASN B 56 -6.18 -22.92 -24.40
N ILE B 57 -4.92 -23.32 -24.27
CA ILE B 57 -3.96 -22.66 -23.42
C ILE B 57 -2.96 -21.87 -24.23
N THR B 58 -2.89 -20.56 -23.99
CA THR B 58 -1.92 -19.74 -24.70
C THR B 58 -1.04 -19.05 -23.66
N PHE B 59 0.18 -18.72 -24.03
CA PHE B 59 1.14 -18.11 -23.14
C PHE B 59 1.62 -16.82 -23.78
N HIS B 60 1.73 -15.74 -23.01
CA HIS B 60 2.36 -14.55 -23.53
C HIS B 60 3.30 -14.05 -22.43
N THR B 61 4.48 -13.63 -22.84
CA THR B 61 5.42 -13.01 -21.92
C THR B 61 4.83 -11.68 -21.48
N TYR B 62 4.78 -11.43 -20.19
CA TYR B 62 4.25 -10.16 -19.68
C TYR B 62 4.98 -9.80 -18.40
N ASP B 63 5.51 -8.62 -18.31
CA ASP B 63 6.07 -8.08 -17.08
C ASP B 63 5.07 -7.05 -16.53
N VAL B 64 4.52 -7.21 -15.34
CA VAL B 64 3.62 -6.21 -14.80
C VAL B 64 4.27 -4.87 -14.53
N THR B 65 5.60 -4.68 -14.54
CA THR B 65 6.15 -3.35 -14.38
C THR B 65 6.13 -2.54 -15.65
N VAL B 66 5.60 -2.99 -16.78
CA VAL B 66 5.50 -2.09 -17.94
C VAL B 66 4.43 -1.02 -17.71
N PRO B 67 4.55 0.08 -18.44
CA PRO B 67 3.56 1.13 -18.46
C PRO B 67 2.19 0.67 -18.90
N VAL B 68 1.15 1.37 -18.44
CA VAL B 68 -0.22 0.99 -18.75
C VAL B 68 -0.44 0.84 -20.26
N ALA B 69 0.19 1.67 -21.08
CA ALA B 69 0.01 1.67 -22.52
C ALA B 69 0.47 0.35 -23.11
N GLU B 70 1.59 -0.18 -22.65
CA GLU B 70 2.01 -1.51 -23.01
C GLU B 70 1.05 -2.57 -22.56
N SER B 71 0.54 -2.57 -21.33
CA SER B 71 -0.51 -3.52 -20.99
C SER B 71 -1.69 -3.47 -21.95
N LYS B 72 -2.20 -2.28 -22.27
CA LYS B 72 -3.36 -2.14 -23.13
C LYS B 72 -3.09 -2.74 -24.52
N LYS B 73 -1.94 -2.44 -25.08
CA LYS B 73 -1.48 -3.09 -26.32
C LYS B 73 -1.56 -4.61 -26.26
N LEU B 74 -1.04 -5.22 -25.20
CA LEU B 74 -1.07 -6.68 -25.13
C LEU B 74 -2.50 -7.17 -24.99
N LEU B 75 -3.25 -6.55 -24.06
CA LEU B 75 -4.65 -6.94 -23.88
C LEU B 75 -5.49 -6.78 -25.14
N LYS B 76 -5.23 -5.80 -25.98
CA LYS B 76 -5.95 -5.68 -27.24
C LYS B 76 -5.76 -6.88 -28.15
N LYS B 77 -4.49 -7.26 -28.33
CA LYS B 77 -4.16 -8.54 -28.96
C LYS B 77 -4.96 -9.70 -28.42
N ILE B 78 -5.12 -9.85 -27.12
CA ILE B 78 -5.86 -10.97 -26.53
C ILE B 78 -7.34 -10.81 -26.77
N PHE B 79 -7.94 -9.63 -26.58
CA PHE B 79 -9.38 -9.46 -26.82
C PHE B 79 -9.67 -9.65 -28.31
N ASP B 80 -8.75 -9.28 -29.18
CA ASP B 80 -8.89 -9.45 -30.62
C ASP B 80 -9.08 -10.92 -31.00
N GLN B 81 -8.33 -11.80 -30.36
CA GLN B 81 -8.48 -13.22 -30.56
C GLN B 81 -9.70 -13.81 -29.89
N LEU B 82 -9.97 -13.40 -28.64
CA LEU B 82 -10.92 -14.13 -27.83
C LEU B 82 -12.29 -13.49 -27.87
N LYS B 83 -12.33 -12.21 -28.18
CA LYS B 83 -13.55 -11.42 -28.21
C LYS B 83 -14.04 -10.97 -26.83
N THR B 84 -14.24 -11.91 -25.92
CA THR B 84 -14.64 -11.66 -24.56
C THR B 84 -13.64 -12.31 -23.61
N VAL B 85 -13.41 -11.70 -22.46
CA VAL B 85 -12.67 -12.34 -21.36
C VAL B 85 -13.58 -12.24 -20.15
N ASP B 86 -13.78 -13.33 -19.43
CA ASP B 86 -14.70 -13.29 -18.31
C ASP B 86 -13.99 -12.90 -17.02
N ILE B 87 -12.75 -13.36 -16.81
CA ILE B 87 -12.11 -13.26 -15.49
C ILE B 87 -10.64 -12.90 -15.72
N LEU B 88 -10.11 -11.96 -14.94
CA LEU B 88 -8.69 -11.66 -14.89
C LEU B 88 -8.25 -12.01 -13.48
N ILE B 89 -7.17 -12.80 -13.37
CA ILE B 89 -6.54 -13.07 -12.09
C ILE B 89 -5.20 -12.34 -12.03
N ASN B 90 -5.01 -11.48 -11.04
CA ASN B 90 -3.73 -10.79 -10.92
C ASN B 90 -2.89 -11.49 -9.83
N GLY B 91 -1.84 -12.23 -10.19
CA GLY B 91 -1.13 -13.02 -9.21
C GLY B 91 0.36 -12.67 -9.05
N ALA B 92 0.90 -11.63 -9.66
CA ALA B 92 2.35 -11.44 -9.67
C ALA B 92 2.79 -10.99 -8.29
N GLY B 93 4.00 -11.33 -7.86
CA GLY B 93 4.35 -11.09 -6.46
C GLY B 93 5.84 -11.38 -6.30
N ILE B 94 6.63 -10.49 -5.70
CA ILE B 94 7.93 -10.93 -5.21
C ILE B 94 8.01 -10.67 -3.70
N LEU B 95 8.98 -11.35 -3.09
CA LEU B 95 9.23 -11.20 -1.66
C LEU B 95 10.74 -11.02 -1.47
N ASP B 96 11.08 -9.73 -1.37
CA ASP B 96 12.48 -9.37 -1.12
C ASP B 96 12.54 -7.89 -0.72
N ASP B 97 12.69 -7.70 0.59
CA ASP B 97 12.62 -6.34 1.15
C ASP B 97 13.96 -5.65 1.04
N HIS B 98 14.99 -6.28 0.43
CA HIS B 98 16.07 -5.49 -0.13
C HIS B 98 15.68 -4.77 -1.40
N GLN B 99 14.63 -5.13 -2.11
CA GLN B 99 14.30 -4.44 -3.37
C GLN B 99 13.01 -3.65 -3.10
N ILE B 100 13.22 -2.51 -2.46
CA ILE B 100 12.10 -1.68 -2.01
C ILE B 100 11.25 -1.22 -3.19
N GLU B 101 11.86 -0.55 -4.12
CA GLU B 101 11.12 0.00 -5.26
C GLU B 101 10.51 -1.13 -6.09
N ARG B 102 11.25 -2.23 -6.25
CA ARG B 102 10.78 -3.30 -7.12
C ARG B 102 9.63 -4.05 -6.48
N THR B 103 9.63 -4.25 -5.17
CA THR B 103 8.50 -4.84 -4.47
C THR B 103 7.20 -4.07 -4.72
N ILE B 104 7.30 -2.76 -4.56
CA ILE B 104 6.11 -1.89 -4.66
C ILE B 104 5.68 -1.88 -6.13
N ALA B 105 6.61 -1.81 -7.07
CA ALA B 105 6.28 -1.78 -8.50
C ALA B 105 5.56 -3.03 -8.96
N ILE B 106 5.91 -4.18 -8.42
CA ILE B 106 5.31 -5.43 -8.84
C ILE B 106 4.06 -5.76 -8.04
N ASN B 107 4.15 -5.67 -6.73
CA ASN B 107 3.10 -6.15 -5.84
C ASN B 107 1.90 -5.20 -5.85
N PHE B 108 2.18 -3.92 -6.17
CA PHE B 108 1.11 -2.91 -5.94
C PHE B 108 0.89 -2.18 -7.26
N THR B 109 1.86 -1.38 -7.68
CA THR B 109 1.66 -0.60 -8.89
C THR B 109 1.22 -1.47 -10.06
N GLY B 110 1.99 -2.58 -10.31
CA GLY B 110 1.66 -3.36 -11.49
C GLY B 110 0.26 -3.91 -11.48
N LEU B 111 -0.22 -4.38 -10.34
CA LEU B 111 -1.59 -4.87 -10.21
C LEU B 111 -2.59 -3.76 -10.51
N VAL B 112 -2.32 -2.54 -10.06
CA VAL B 112 -3.22 -1.42 -10.35
C VAL B 112 -3.18 -1.15 -11.86
N ASN B 113 -1.98 -1.19 -12.44
CA ASN B 113 -1.85 -0.84 -13.86
C ASN B 113 -2.50 -1.85 -14.77
N THR B 114 -2.42 -3.14 -14.45
CA THR B 114 -3.10 -4.17 -15.26
C THR B 114 -4.61 -4.00 -15.15
N THR B 115 -5.09 -3.78 -13.91
CA THR B 115 -6.49 -3.50 -13.70
C THR B 115 -6.95 -2.29 -14.50
N THR B 116 -6.21 -1.21 -14.43
CA THR B 116 -6.50 0.03 -15.10
C THR B 116 -6.57 -0.19 -16.62
N ALA B 117 -5.61 -0.96 -17.13
CA ALA B 117 -5.60 -1.25 -18.59
C ALA B 117 -6.81 -2.06 -19.02
N ILE B 118 -7.21 -3.08 -18.28
CA ILE B 118 -8.30 -3.93 -18.72
C ILE B 118 -9.66 -3.23 -18.67
N LEU B 119 -9.81 -2.28 -17.76
CA LEU B 119 -11.02 -1.47 -17.66
C LEU B 119 -11.38 -0.77 -18.96
N ASP B 120 -10.43 -0.32 -19.74
CA ASP B 120 -10.61 0.11 -21.10
C ASP B 120 -11.43 -0.84 -21.97
N PHE B 121 -11.35 -2.13 -21.77
CA PHE B 121 -12.11 -3.09 -22.56
C PHE B 121 -13.38 -3.45 -21.82
N TRP B 122 -13.40 -3.37 -20.48
CA TRP B 122 -14.55 -3.87 -19.74
C TRP B 122 -15.52 -2.77 -19.28
N ASP B 123 -15.08 -1.54 -19.17
CA ASP B 123 -15.86 -0.51 -18.48
C ASP B 123 -17.26 -0.41 -19.08
N LYS B 124 -18.31 -0.63 -18.30
CA LYS B 124 -19.65 -0.47 -18.88
C LYS B 124 -19.92 0.96 -19.33
N ARG B 125 -19.33 1.97 -18.73
CA ARG B 125 -19.42 3.34 -19.21
C ARG B 125 -18.94 3.46 -20.64
N LYS B 126 -18.00 2.63 -21.13
CA LYS B 126 -17.57 2.71 -22.51
C LYS B 126 -18.28 1.71 -23.44
N GLY B 127 -19.36 1.10 -22.97
CA GLY B 127 -20.02 0.06 -23.72
C GLY B 127 -19.54 -1.35 -23.41
N GLY B 128 -18.48 -1.51 -22.64
CA GLY B 128 -17.95 -2.83 -22.34
C GLY B 128 -18.96 -3.68 -21.60
N PRO B 129 -18.69 -4.97 -21.50
CA PRO B 129 -19.52 -5.94 -20.82
C PRO B 129 -19.31 -6.07 -19.32
N GLY B 130 -18.35 -5.36 -18.73
CA GLY B 130 -18.02 -5.62 -17.33
C GLY B 130 -17.16 -6.91 -17.28
N GLY B 131 -16.82 -7.35 -16.09
CA GLY B 131 -15.93 -8.46 -15.94
C GLY B 131 -15.67 -8.73 -14.47
N ILE B 132 -14.75 -9.67 -14.21
CA ILE B 132 -14.47 -10.18 -12.88
C ILE B 132 -12.96 -10.13 -12.63
N ILE B 133 -12.49 -9.55 -11.53
CA ILE B 133 -11.09 -9.44 -11.21
C ILE B 133 -10.86 -10.15 -9.88
N ALA B 134 -9.98 -11.13 -9.91
CA ALA B 134 -9.55 -11.87 -8.75
C ALA B 134 -8.11 -11.43 -8.43
N ASN B 135 -7.87 -10.84 -7.29
CA ASN B 135 -6.53 -10.32 -6.99
C ASN B 135 -5.83 -11.17 -5.95
N ILE B 136 -4.61 -11.67 -6.27
CA ILE B 136 -3.95 -12.43 -5.20
C ILE B 136 -3.26 -11.43 -4.26
N CYS B 137 -3.78 -11.32 -3.04
CA CYS B 137 -3.19 -10.36 -2.08
C CYS B 137 -2.42 -11.24 -1.12
N SER B 138 -2.78 -11.37 0.12
CA SER B 138 -1.96 -11.94 1.17
C SER B 138 -2.58 -11.57 2.53
N VAL B 139 -2.63 -12.56 3.44
CA VAL B 139 -2.90 -12.28 4.83
C VAL B 139 -1.96 -11.22 5.45
N THR B 140 -0.76 -10.99 4.99
CA THR B 140 0.10 -9.94 5.49
C THR B 140 -0.42 -8.54 5.11
N GLY B 141 -1.33 -8.42 4.16
CA GLY B 141 -2.10 -7.24 3.97
C GLY B 141 -3.09 -6.95 5.09
N PHE B 142 -3.43 -7.96 5.88
CA PHE B 142 -4.30 -7.78 7.02
C PHE B 142 -3.42 -7.35 8.19
N ASN B 143 -2.44 -8.21 8.44
CA ASN B 143 -1.57 -8.07 9.60
C ASN B 143 -0.16 -8.43 9.14
N ALA B 144 0.74 -7.48 9.27
CA ALA B 144 2.01 -7.57 8.57
C ALA B 144 2.83 -8.78 9.08
N ILE B 145 3.70 -9.24 8.16
CA ILE B 145 4.92 -9.87 8.73
C ILE B 145 5.89 -8.73 8.94
N HIS B 146 6.15 -8.29 10.16
CA HIS B 146 6.80 -6.98 10.31
C HIS B 146 8.28 -6.97 10.02
N GLN B 147 8.91 -8.15 9.94
CA GLN B 147 10.29 -8.24 9.44
C GLN B 147 10.36 -8.09 7.93
N VAL B 148 9.24 -8.22 7.21
CA VAL B 148 9.25 -7.70 5.83
C VAL B 148 8.13 -6.65 5.70
N PRO B 149 8.43 -5.45 6.16
CA PRO B 149 7.41 -4.39 6.26
C PRO B 149 7.00 -3.87 4.88
N VAL B 150 7.93 -3.88 3.91
CA VAL B 150 7.64 -3.35 2.60
C VAL B 150 6.72 -4.27 1.82
N TYR B 151 7.13 -5.56 1.75
CA TYR B 151 6.25 -6.58 1.19
C TYR B 151 4.85 -6.51 1.78
N SER B 152 4.73 -6.59 3.10
CA SER B 152 3.45 -6.54 3.77
C SER B 152 2.65 -5.26 3.52
N ALA B 153 3.30 -4.11 3.51
CA ALA B 153 2.61 -2.88 3.14
C ALA B 153 2.10 -2.88 1.72
N SER B 154 2.86 -3.45 0.75
CA SER B 154 2.43 -3.50 -0.64
C SER B 154 1.20 -4.37 -0.74
N LYS B 155 1.09 -5.41 0.08
CA LYS B 155 -0.09 -6.24 0.12
C LYS B 155 -1.27 -5.62 0.88
N ALA B 156 -0.97 -4.87 1.98
CA ALA B 156 -2.05 -4.04 2.53
C ALA B 156 -2.65 -3.15 1.45
N ALA B 157 -1.89 -2.51 0.60
CA ALA B 157 -2.38 -1.71 -0.49
C ALA B 157 -3.36 -2.39 -1.44
N VAL B 158 -2.99 -3.63 -1.86
CA VAL B 158 -3.81 -4.28 -2.89
C VAL B 158 -5.03 -4.88 -2.25
N VAL B 159 -5.13 -5.26 -1.01
CA VAL B 159 -6.36 -5.55 -0.27
C VAL B 159 -7.28 -4.34 -0.25
N SER B 160 -6.74 -3.16 0.06
CA SER B 160 -7.56 -1.95 0.00
C SER B 160 -8.05 -1.67 -1.40
N PHE B 161 -7.15 -1.61 -2.38
CA PHE B 161 -7.50 -1.39 -3.77
C PHE B 161 -8.56 -2.38 -4.25
N THR B 162 -8.51 -3.64 -3.81
CA THR B 162 -9.55 -4.58 -4.21
C THR B 162 -10.90 -4.33 -3.56
N ASN B 163 -10.92 -3.99 -2.27
CA ASN B 163 -12.12 -3.52 -1.63
C ASN B 163 -12.76 -2.37 -2.41
N SER B 164 -11.99 -1.39 -2.81
CA SER B 164 -12.53 -0.24 -3.49
C SER B 164 -13.07 -0.59 -4.87
N LEU B 165 -12.35 -1.49 -5.60
CA LEU B 165 -12.85 -1.91 -6.91
C LEU B 165 -14.24 -2.52 -6.81
N ALA B 166 -14.44 -3.35 -5.81
CA ALA B 166 -15.69 -4.02 -5.56
C ALA B 166 -16.83 -3.02 -5.29
N LYS B 167 -16.53 -1.95 -4.56
CA LYS B 167 -17.46 -0.85 -4.41
C LYS B 167 -17.65 -0.04 -5.67
N LEU B 168 -16.79 -0.02 -6.65
CA LEU B 168 -17.04 0.66 -7.89
C LEU B 168 -17.81 -0.15 -8.93
N ALA B 169 -18.23 -1.36 -8.62
CA ALA B 169 -18.88 -2.23 -9.58
C ALA B 169 -20.15 -1.72 -10.23
N PRO B 170 -21.07 -1.07 -9.49
CA PRO B 170 -22.25 -0.48 -10.08
C PRO B 170 -21.91 0.57 -11.09
N ILE B 171 -20.74 1.20 -11.09
CA ILE B 171 -20.37 2.18 -12.09
C ILE B 171 -19.59 1.53 -13.22
N THR B 172 -18.67 0.63 -12.87
CA THR B 172 -17.77 0.12 -13.90
C THR B 172 -18.30 -1.16 -14.54
N GLY B 173 -19.12 -1.94 -13.88
CA GLY B 173 -19.48 -3.27 -14.38
C GLY B 173 -18.51 -4.35 -13.91
N VAL B 174 -17.42 -4.00 -13.25
CA VAL B 174 -16.35 -4.94 -12.92
C VAL B 174 -16.43 -5.27 -11.44
N THR B 175 -16.72 -6.50 -11.09
CA THR B 175 -16.65 -6.98 -9.72
C THR B 175 -15.27 -7.46 -9.35
N ALA B 176 -15.03 -7.57 -8.02
CA ALA B 176 -13.67 -7.92 -7.61
C ALA B 176 -13.67 -8.50 -6.23
N TYR B 177 -12.70 -9.37 -5.97
CA TYR B 177 -12.54 -9.98 -4.68
C TYR B 177 -11.07 -10.35 -4.48
N SER B 178 -10.68 -10.51 -3.20
CA SER B 178 -9.22 -10.71 -3.05
C SER B 178 -9.08 -12.14 -2.59
N ILE B 179 -7.92 -12.71 -2.91
CA ILE B 179 -7.62 -14.06 -2.48
C ILE B 179 -6.42 -13.90 -1.57
N ASN B 180 -6.53 -14.24 -0.31
CA ASN B 180 -5.43 -13.95 0.61
C ASN B 180 -4.89 -15.22 1.26
N PRO B 181 -3.85 -15.81 0.68
CA PRO B 181 -3.34 -17.06 1.20
C PRO B 181 -2.61 -16.76 2.50
N GLY B 182 -2.70 -17.66 3.45
CA GLY B 182 -1.73 -17.76 4.54
C GLY B 182 -0.43 -18.41 4.03
N ILE B 183 0.48 -18.75 4.94
CA ILE B 183 1.84 -19.14 4.56
C ILE B 183 1.75 -20.47 3.81
N THR B 184 2.30 -20.47 2.61
CA THR B 184 2.06 -21.56 1.67
C THR B 184 3.45 -21.97 1.15
N ARG B 185 3.73 -23.26 1.31
CA ARG B 185 5.03 -23.77 0.88
C ARG B 185 5.30 -23.66 -0.61
N THR B 186 6.03 -22.65 -1.06
CA THR B 186 6.41 -22.41 -2.42
C THR B 186 7.84 -21.87 -2.36
N PRO B 187 8.46 -21.62 -3.50
CA PRO B 187 9.79 -21.04 -3.53
C PRO B 187 9.80 -19.61 -2.97
N LEU B 188 8.68 -18.92 -2.92
CA LEU B 188 8.63 -17.53 -2.45
C LEU B 188 9.16 -17.45 -1.02
N VAL B 189 8.71 -18.35 -0.15
CA VAL B 189 9.04 -18.30 1.26
C VAL B 189 10.20 -19.15 1.74
N HIS B 190 10.98 -19.77 0.85
CA HIS B 190 11.96 -20.75 1.31
C HIS B 190 13.17 -20.00 1.89
N THR B 191 13.62 -18.99 1.15
CA THR B 191 14.58 -18.07 1.72
C THR B 191 14.28 -16.66 1.23
N PHE B 192 14.32 -15.64 2.10
CA PHE B 192 14.10 -14.28 1.57
C PHE B 192 14.69 -13.21 2.49
N ASN B 193 14.95 -12.04 1.94
CA ASN B 193 15.56 -10.91 2.60
C ASN B 193 14.56 -10.10 3.44
N SER B 194 14.89 -9.85 4.69
CA SER B 194 14.14 -8.89 5.50
C SER B 194 14.67 -7.49 5.24
N TRP B 195 13.87 -6.53 5.68
CA TRP B 195 14.16 -5.10 5.47
C TRP B 195 15.31 -4.68 6.35
N LEU B 196 16.37 -4.14 5.79
CA LEU B 196 17.59 -3.79 6.52
C LEU B 196 18.10 -4.95 7.37
N ASP B 197 17.91 -6.18 6.86
CA ASP B 197 18.18 -7.38 7.60
C ASP B 197 17.91 -7.28 9.09
N VAL B 198 16.69 -6.89 9.48
CA VAL B 198 16.36 -6.93 10.89
C VAL B 198 16.22 -8.38 11.34
N GLU B 199 15.88 -9.28 10.42
CA GLU B 199 15.71 -10.67 10.78
C GLU B 199 16.19 -11.59 9.65
N PRO B 200 17.51 -11.77 9.58
CA PRO B 200 18.12 -12.66 8.60
C PRO B 200 17.54 -14.07 8.62
N ARG B 201 17.02 -14.61 9.71
CA ARG B 201 16.39 -15.91 9.66
C ARG B 201 14.89 -15.92 9.49
N VAL B 202 14.32 -14.90 8.87
CA VAL B 202 12.87 -14.76 8.81
C VAL B 202 12.21 -16.00 8.18
N ALA B 203 12.79 -16.53 7.11
CA ALA B 203 12.22 -17.70 6.43
C ALA B 203 12.25 -18.94 7.30
N GLU B 204 13.38 -19.23 7.93
CA GLU B 204 13.45 -20.31 8.92
C GLU B 204 12.44 -20.13 10.02
N LEU B 205 12.27 -18.93 10.58
CA LEU B 205 11.31 -18.82 11.69
C LEU B 205 9.88 -18.95 11.19
N LEU B 206 9.63 -18.44 9.97
CA LEU B 206 8.26 -18.50 9.44
C LEU B 206 7.80 -19.94 9.27
N LEU B 207 8.69 -20.77 8.72
CA LEU B 207 8.30 -22.17 8.39
C LEU B 207 8.46 -23.10 9.58
N SER B 208 8.73 -22.57 10.79
CA SER B 208 8.59 -23.38 12.00
C SER B 208 7.19 -23.31 12.57
N HIS B 209 6.28 -22.63 11.89
CA HIS B 209 4.86 -22.65 12.23
C HIS B 209 4.08 -23.34 11.13
N PRO B 210 2.88 -23.81 11.46
CA PRO B 210 1.99 -24.46 10.53
C PRO B 210 1.87 -23.75 9.20
N THR B 211 1.89 -24.53 8.11
CA THR B 211 1.75 -23.98 6.76
C THR B 211 0.69 -24.79 6.00
N GLN B 212 0.38 -24.39 4.78
CA GLN B 212 -0.48 -25.19 3.92
C GLN B 212 0.35 -25.52 2.68
N THR B 213 -0.15 -26.52 1.92
CA THR B 213 0.55 -26.76 0.64
C THR B 213 -0.08 -25.89 -0.42
N SER B 214 0.64 -25.67 -1.51
CA SER B 214 0.10 -25.02 -2.69
C SER B 214 -1.06 -25.77 -3.32
N GLU B 215 -1.18 -27.07 -3.14
CA GLU B 215 -2.33 -27.80 -3.64
C GLU B 215 -3.59 -27.53 -2.83
N GLN B 216 -3.48 -27.53 -1.50
CA GLN B 216 -4.56 -27.01 -0.68
C GLN B 216 -4.96 -25.58 -1.06
N CYS B 217 -3.94 -24.73 -1.15
CA CYS B 217 -4.20 -23.37 -1.58
C CYS B 217 -4.91 -23.39 -2.93
N GLY B 218 -4.39 -24.15 -3.89
CA GLY B 218 -4.92 -24.06 -5.26
C GLY B 218 -6.38 -24.51 -5.27
N GLN B 219 -6.71 -25.55 -4.52
CA GLN B 219 -8.06 -26.06 -4.49
C GLN B 219 -9.07 -25.05 -3.94
N ASN B 220 -8.70 -24.40 -2.84
CA ASN B 220 -9.55 -23.37 -2.25
C ASN B 220 -9.62 -22.14 -3.12
N PHE B 221 -8.61 -21.82 -3.89
CA PHE B 221 -8.65 -20.68 -4.81
C PHE B 221 -9.79 -20.88 -5.81
N VAL B 222 -9.93 -22.14 -6.31
CA VAL B 222 -10.86 -22.27 -7.43
C VAL B 222 -12.24 -22.24 -6.81
N LYS B 223 -12.43 -22.73 -5.61
CA LYS B 223 -13.70 -22.65 -4.94
C LYS B 223 -14.18 -21.22 -4.72
N ALA B 224 -13.26 -20.34 -4.30
CA ALA B 224 -13.58 -18.92 -4.16
C ALA B 224 -13.93 -18.29 -5.48
N ILE B 225 -13.28 -18.67 -6.57
CA ILE B 225 -13.63 -18.17 -7.88
C ILE B 225 -15.05 -18.60 -8.23
N GLU B 226 -15.33 -19.86 -7.95
CA GLU B 226 -16.68 -20.38 -8.23
C GLU B 226 -17.73 -19.77 -7.33
N ALA B 227 -17.37 -19.37 -6.11
CA ALA B 227 -18.29 -18.61 -5.29
C ALA B 227 -18.62 -17.24 -5.89
N ASN B 228 -17.69 -16.57 -6.55
CA ASN B 228 -17.94 -15.36 -7.29
C ASN B 228 -18.66 -14.30 -6.44
N LYS B 229 -18.13 -13.98 -5.26
CA LYS B 229 -18.76 -12.98 -4.40
C LYS B 229 -18.05 -11.63 -4.50
N ASN B 230 -18.68 -10.65 -5.11
CA ASN B 230 -18.08 -9.33 -5.30
C ASN B 230 -17.76 -8.75 -3.91
N GLY B 231 -16.55 -8.27 -3.71
CA GLY B 231 -16.18 -7.66 -2.45
C GLY B 231 -15.75 -8.64 -1.39
N ALA B 232 -15.78 -9.96 -1.66
CA ALA B 232 -15.29 -10.89 -0.65
C ALA B 232 -13.80 -10.62 -0.44
N ILE B 233 -13.37 -10.83 0.77
CA ILE B 233 -12.00 -10.85 1.21
C ILE B 233 -11.67 -12.27 1.72
N TRP B 234 -11.19 -13.10 0.80
CA TRP B 234 -11.06 -14.53 1.10
C TRP B 234 -9.74 -14.80 1.79
N LYS B 235 -9.80 -15.46 2.92
CA LYS B 235 -8.64 -15.98 3.58
C LYS B 235 -8.44 -17.47 3.29
N LEU B 236 -7.28 -17.82 2.73
CA LEU B 236 -6.98 -19.22 2.39
C LEU B 236 -5.81 -19.71 3.23
N ASP B 237 -6.10 -20.24 4.38
CA ASP B 237 -5.06 -20.41 5.39
C ASP B 237 -5.23 -21.76 6.07
N LEU B 238 -4.13 -22.49 6.14
CA LEU B 238 -4.10 -23.84 6.69
C LEU B 238 -5.20 -24.72 6.11
N GLY B 239 -5.41 -24.62 4.79
CA GLY B 239 -6.23 -25.62 4.10
C GLY B 239 -7.69 -25.22 4.15
N THR B 240 -8.03 -24.06 4.74
CA THR B 240 -9.45 -23.68 4.73
C THR B 240 -9.66 -22.45 3.85
N LEU B 241 -10.92 -22.15 3.63
CA LEU B 241 -11.36 -21.03 2.83
C LEU B 241 -12.33 -20.24 3.73
N GLU B 242 -12.05 -18.97 4.00
CA GLU B 242 -12.91 -18.24 4.93
C GLU B 242 -13.05 -16.80 4.47
N ALA B 243 -14.25 -16.24 4.53
CA ALA B 243 -14.42 -14.82 4.19
C ALA B 243 -14.22 -13.96 5.43
N ILE B 244 -13.31 -12.98 5.43
CA ILE B 244 -13.24 -12.11 6.61
C ILE B 244 -14.07 -10.84 6.43
N GLU B 245 -14.46 -10.28 7.56
CA GLU B 245 -15.14 -8.99 7.61
C GLU B 245 -14.09 -7.88 7.84
N TRP B 246 -14.07 -6.88 6.98
CA TRP B 246 -13.19 -5.74 7.21
C TRP B 246 -13.74 -4.85 8.31
N THR B 247 -12.91 -4.38 9.22
CA THR B 247 -13.37 -3.50 10.30
C THR B 247 -13.72 -2.12 9.76
N LYS B 248 -14.93 -1.62 10.03
CA LYS B 248 -15.26 -0.23 9.66
C LYS B 248 -14.71 0.71 10.75
N HIS B 249 -13.56 1.31 10.58
CA HIS B 249 -13.05 2.26 11.55
C HIS B 249 -13.51 3.68 11.21
N TRP B 250 -13.80 3.94 9.96
CA TRP B 250 -14.08 5.24 9.45
C TRP B 250 -14.92 5.06 8.19
N ASP B 251 -15.73 6.06 7.90
CA ASP B 251 -16.62 5.99 6.76
C ASP B 251 -16.69 7.35 6.10
N SER B 252 -16.55 7.34 4.79
CA SER B 252 -16.35 8.62 4.09
C SER B 252 -17.71 9.27 3.88
N HIS B 253 -18.76 8.46 3.98
CA HIS B 253 -20.14 8.77 3.78
C HIS B 253 -20.48 8.83 2.31
N ILE B 254 -19.55 8.70 1.38
CA ILE B 254 -19.91 8.76 -0.04
C ILE B 254 -19.63 7.44 -0.76
#